data_3L4H
#
_entry.id   3L4H
#
_cell.length_a   26.079
_cell.length_b   44.082
_cell.length_c   39.610
_cell.angle_alpha   90.00
_cell.angle_beta   92.54
_cell.angle_gamma   90.00
#
_symmetry.space_group_name_H-M   'P 1 21 1'
#
loop_
_entity.id
_entity.type
_entity.pdbx_description
1 polymer 'E3 ubiquitin-protein ligase HECW1'
2 non-polymer 'ACETIC ACID'
3 water water
#
_entity_poly.entity_id   1
_entity_poly.type   'polypeptide(L)'
_entity_poly.pdbx_seq_one_letter_code
;LLLQSPAVKFITNPEFFTVLHANYSAYRVFTSSTCLKH(MSE)ILKVRRDARNFERYQHNRDLVNFIN(MSE)FADTRLE
LPRGWEIKTDQQGKSFFVDHNSRATTFIDPRIPLQNG
;
_entity_poly.pdbx_strand_id   A
#
# COMPACT_ATOMS: atom_id res chain seq x y z
N LEU A 1 6.52 -5.37 -13.31
CA LEU A 1 6.73 -5.99 -11.96
C LEU A 1 5.77 -5.47 -10.90
N LEU A 2 5.39 -6.38 -10.00
CA LEU A 2 4.48 -6.09 -8.87
C LEU A 2 3.07 -5.71 -9.28
N LEU A 3 2.67 -6.01 -10.52
CA LEU A 3 1.33 -5.57 -10.98
C LEU A 3 0.25 -6.25 -10.20
N GLN A 4 0.56 -7.41 -9.62
CA GLN A 4 -0.43 -8.09 -8.78
C GLN A 4 -0.20 -7.92 -7.28
N SER A 5 0.67 -6.98 -6.90
CA SER A 5 0.86 -6.70 -5.49
C SER A 5 -0.38 -6.08 -4.88
N PRO A 6 -0.59 -6.30 -3.57
CA PRO A 6 -1.72 -5.66 -2.93
C PRO A 6 -1.71 -4.14 -3.11
N ALA A 7 -0.53 -3.51 -3.00
CA ALA A 7 -0.52 -2.07 -3.16
C ALA A 7 -0.94 -1.63 -4.57
N VAL A 8 -0.48 -2.29 -5.63
CA VAL A 8 -0.89 -1.86 -6.98
C VAL A 8 -2.36 -2.10 -7.19
N LYS A 9 -2.80 -3.24 -6.71
CA LYS A 9 -4.23 -3.58 -6.86
C LYS A 9 -5.11 -2.54 -6.24
N PHE A 10 -4.73 -2.07 -5.03
CA PHE A 10 -5.48 -1.08 -4.29
C PHE A 10 -5.38 0.28 -4.94
N ILE A 11 -4.16 0.74 -5.21
CA ILE A 11 -4.00 2.12 -5.69
C ILE A 11 -4.67 2.31 -7.04
N THR A 12 -4.62 1.28 -7.90
CA THR A 12 -5.17 1.39 -9.30
C THR A 12 -6.59 0.88 -9.46
N ASN A 13 -7.24 0.51 -8.35
CA ASN A 13 -8.60 0.01 -8.38
C ASN A 13 -9.60 1.12 -8.75
N PRO A 14 -10.67 0.75 -9.44
CA PRO A 14 -11.72 1.72 -9.80
C PRO A 14 -12.20 2.55 -8.63
N GLU A 15 -12.27 1.94 -7.45
CA GLU A 15 -12.86 2.58 -6.26
C GLU A 15 -11.80 3.16 -5.31
N PHE A 16 -10.55 3.33 -5.75
CA PHE A 16 -9.54 3.91 -4.87
C PHE A 16 -10.01 5.25 -4.29
N PHE A 17 -10.57 6.13 -5.11
CA PHE A 17 -10.84 7.44 -4.55
C PHE A 17 -12.02 7.42 -3.55
N THR A 18 -12.98 6.53 -3.78
CA THR A 18 -14.04 6.33 -2.80
C THR A 18 -13.50 5.87 -1.46
N VAL A 19 -12.63 4.87 -1.48
CA VAL A 19 -12.03 4.38 -0.23
C VAL A 19 -11.16 5.46 0.44
N LEU A 20 -10.45 6.22 -0.39
CA LEU A 20 -9.67 7.34 0.14
C LEU A 20 -10.54 8.39 0.83
N HIS A 21 -11.64 8.78 0.18
CA HIS A 21 -12.46 9.84 0.76
C HIS A 21 -13.17 9.38 1.98
N ALA A 22 -13.39 8.08 2.09
CA ALA A 22 -14.01 7.49 3.29
C ALA A 22 -13.10 7.43 4.51
N ASN A 23 -11.83 7.77 4.34
CA ASN A 23 -10.88 7.78 5.44
C ASN A 23 -10.38 9.20 5.53
N TYR A 24 -11.00 10.01 6.37
CA TYR A 24 -10.68 11.44 6.43
C TYR A 24 -9.21 11.74 6.60
N SER A 25 -8.52 11.04 7.51
CA SER A 25 -7.10 11.38 7.75
C SER A 25 -6.24 10.96 6.56
N ALA A 26 -6.64 9.89 5.89
CA ALA A 26 -5.91 9.46 4.70
C ALA A 26 -6.15 10.47 3.61
N TYR A 27 -7.38 10.97 3.52
CA TYR A 27 -7.68 12.02 2.57
C TYR A 27 -6.80 13.27 2.82
N ARG A 28 -6.61 13.68 4.09
CA ARG A 28 -5.73 14.81 4.37
C ARG A 28 -4.30 14.54 3.93
N VAL A 29 -3.78 13.34 4.21
CA VAL A 29 -2.40 12.98 3.85
C VAL A 29 -2.23 13.11 2.33
N PHE A 30 -3.15 12.53 1.55
CA PHE A 30 -3.09 12.63 0.09
C PHE A 30 -3.24 14.05 -0.41
N THR A 31 -4.26 14.76 0.09
CA THR A 31 -4.71 16.01 -0.53
C THR A 31 -3.66 17.06 -0.27
N SER A 32 -3.09 17.07 0.94
CA SER A 32 -2.19 18.13 1.30
C SER A 32 -0.74 17.93 0.90
N SER A 33 -0.39 16.73 0.46
N SER A 33 -0.34 16.70 0.58
CA SER A 33 0.97 16.49 0.01
CA SER A 33 1.07 16.43 0.24
C SER A 33 1.14 17.11 -1.38
C SER A 33 1.22 16.51 -1.27
N THR A 34 2.38 17.23 -1.81
N THR A 34 2.30 17.11 -1.73
CA THR A 34 2.63 17.41 -3.24
CA THR A 34 2.50 17.26 -3.17
C THR A 34 3.22 16.09 -3.74
C THR A 34 3.18 16.02 -3.70
N CYS A 35 4.31 15.64 -3.11
CA CYS A 35 5.05 14.46 -3.60
C CYS A 35 4.24 13.18 -3.53
N LEU A 36 3.53 12.97 -2.42
CA LEU A 36 2.75 11.74 -2.29
C LEU A 36 1.63 11.71 -3.33
N LYS A 37 0.90 12.82 -3.43
CA LYS A 37 -0.19 12.90 -4.43
C LYS A 37 0.39 12.65 -5.83
N HIS A 38 1.51 13.27 -6.13
CA HIS A 38 2.15 13.07 -7.43
C HIS A 38 2.51 11.58 -7.68
N ILE A 40 1.19 8.94 -6.26
CA ILE A 40 -0.05 8.12 -6.39
C ILE A 40 -0.67 8.28 -7.78
N LEU A 41 -0.71 9.53 -8.25
CA LEU A 41 -1.25 9.77 -9.60
C LEU A 41 -0.35 9.13 -10.68
N LYS A 42 0.97 9.12 -10.49
CA LYS A 42 1.87 8.47 -11.46
C LYS A 42 1.61 6.97 -11.49
N VAL A 43 1.41 6.36 -10.32
CA VAL A 43 1.16 4.89 -10.27
C VAL A 43 -0.16 4.59 -10.94
N ARG A 44 -1.17 5.40 -10.66
CA ARG A 44 -2.48 5.22 -11.32
C ARG A 44 -2.41 5.33 -12.83
N ARG A 45 -1.55 6.22 -13.37
CA ARG A 45 -1.40 6.35 -14.83
C ARG A 45 -0.52 5.23 -15.42
N ASP A 46 0.51 4.82 -14.69
CA ASP A 46 1.42 3.82 -15.17
C ASP A 46 1.89 3.01 -13.98
N ALA A 47 1.41 1.77 -13.87
CA ALA A 47 1.61 0.98 -12.67
C ALA A 47 3.05 0.55 -12.49
N ARG A 48 3.85 0.69 -13.53
CA ARG A 48 5.30 0.45 -13.35
C ARG A 48 5.88 1.36 -12.26
N ASN A 49 5.26 2.52 -12.03
CA ASN A 49 5.75 3.43 -11.03
C ASN A 49 5.71 2.89 -9.61
N PHE A 50 4.84 1.91 -9.33
CA PHE A 50 4.78 1.44 -7.96
C PHE A 50 6.11 0.77 -7.59
N GLU A 51 6.58 -0.17 -8.41
CA GLU A 51 7.86 -0.78 -8.07
C GLU A 51 8.93 0.28 -7.90
N ARG A 52 8.87 1.35 -8.68
CA ARG A 52 9.86 2.42 -8.56
C ARG A 52 9.78 3.14 -7.22
N TYR A 53 8.59 3.25 -6.64
CA TYR A 53 8.43 4.03 -5.40
C TYR A 53 8.20 3.14 -4.20
N GLN A 54 8.42 1.83 -4.37
CA GLN A 54 7.85 0.81 -3.47
C GLN A 54 8.24 0.96 -2.02
N HIS A 55 9.43 1.52 -1.76
CA HIS A 55 9.85 1.62 -0.35
C HIS A 55 9.84 3.07 0.16
N ASN A 56 9.27 3.96 -0.64
CA ASN A 56 9.27 5.38 -0.28
C ASN A 56 8.51 5.50 1.02
N ARG A 57 9.08 6.14 2.04
CA ARG A 57 8.44 6.08 3.35
C ARG A 57 7.07 6.73 3.42
N ASP A 58 6.86 7.83 2.73
CA ASP A 58 5.55 8.48 2.73
C ASP A 58 4.47 7.66 2.00
N LEU A 59 4.85 7.02 0.90
CA LEU A 59 3.91 6.17 0.17
C LEU A 59 3.55 4.95 1.07
N VAL A 60 4.54 4.32 1.67
CA VAL A 60 4.30 3.16 2.55
C VAL A 60 3.37 3.57 3.71
N ASN A 61 3.66 4.72 4.33
CA ASN A 61 2.89 5.12 5.51
C ASN A 61 1.46 5.39 5.07
N PHE A 62 1.30 6.02 3.91
CA PHE A 62 -0.05 6.33 3.40
C PHE A 62 -0.83 5.06 3.13
N ILE A 63 -0.24 4.10 2.43
CA ILE A 63 -1.02 2.90 2.12
C ILE A 63 -1.35 2.13 3.40
N ASN A 64 -0.40 2.13 4.33
CA ASN A 64 -0.65 1.43 5.63
C ASN A 64 -1.79 2.03 6.45
N PHE A 66 -4.63 2.27 5.47
CA PHE A 66 -5.77 1.48 5.04
C PHE A 66 -5.72 0.06 5.52
N ALA A 67 -4.65 -0.31 6.21
CA ALA A 67 -4.49 -1.72 6.62
C ALA A 67 -5.45 -2.04 7.75
N ASP A 68 -6.04 -3.24 7.69
CA ASP A 68 -6.97 -3.71 8.70
C ASP A 68 -6.32 -4.86 9.45
N THR A 69 -5.72 -4.56 10.60
CA THR A 69 -4.91 -5.60 11.24
C THR A 69 -5.79 -6.57 12.00
N ARG A 70 -7.12 -6.44 11.86
CA ARG A 70 -8.03 -7.45 12.39
C ARG A 70 -8.15 -8.66 11.48
N LEU A 71 -7.74 -8.52 10.22
CA LEU A 71 -7.85 -9.59 9.26
C LEU A 71 -6.67 -10.53 9.34
N GLU A 72 -6.86 -11.76 8.86
CA GLU A 72 -5.78 -12.75 8.81
C GLU A 72 -4.84 -12.28 7.71
N LEU A 73 -3.55 -12.58 7.83
CA LEU A 73 -2.68 -12.25 6.70
C LEU A 73 -3.04 -13.22 5.60
N PRO A 74 -3.01 -12.78 4.34
CA PRO A 74 -3.29 -13.71 3.24
C PRO A 74 -2.32 -14.87 3.16
N ARG A 75 -2.77 -15.99 2.60
CA ARG A 75 -1.96 -17.20 2.51
C ARG A 75 -0.60 -16.86 1.90
N GLY A 76 0.45 -17.32 2.58
CA GLY A 76 1.82 -17.20 2.09
C GLY A 76 2.57 -15.96 2.58
N TRP A 77 1.87 -15.05 3.26
CA TRP A 77 2.50 -13.84 3.83
C TRP A 77 2.88 -14.10 5.27
N GLU A 78 3.96 -13.47 5.73
CA GLU A 78 4.40 -13.57 7.11
C GLU A 78 4.70 -12.16 7.59
N ILE A 79 4.37 -11.82 8.84
N ILE A 79 4.38 -11.83 8.84
CA ILE A 79 4.81 -10.55 9.44
CA ILE A 79 4.84 -10.58 9.44
C ILE A 79 6.10 -10.77 10.25
C ILE A 79 6.16 -10.82 10.15
N LYS A 80 7.03 -9.83 10.15
CA LYS A 80 8.22 -9.88 10.99
C LYS A 80 8.32 -8.55 11.64
N THR A 81 8.92 -8.46 12.82
CA THR A 81 8.89 -7.19 13.50
C THR A 81 10.25 -6.81 14.02
N ASP A 82 10.48 -5.50 13.95
CA ASP A 82 11.66 -4.81 14.49
C ASP A 82 11.74 -4.93 16.00
N GLN A 83 12.95 -4.74 16.55
CA GLN A 83 13.13 -4.50 17.97
C GLN A 83 12.39 -3.21 18.41
N GLN A 84 12.06 -2.38 17.42
CA GLN A 84 11.33 -1.13 17.66
C GLN A 84 9.85 -1.33 17.33
N GLY A 85 9.52 -2.55 16.92
CA GLY A 85 8.15 -2.92 16.66
C GLY A 85 7.65 -2.47 15.30
N LYS A 86 8.56 -2.07 14.41
CA LYS A 86 8.17 -1.82 13.04
C LYS A 86 7.99 -3.16 12.36
N SER A 87 6.87 -3.31 11.64
CA SER A 87 6.52 -4.58 11.02
C SER A 87 7.01 -4.56 9.60
N PHE A 88 7.48 -5.70 9.12
CA PHE A 88 7.61 -5.83 7.69
C PHE A 88 7.01 -7.12 7.24
N PHE A 89 6.78 -7.21 5.94
CA PHE A 89 5.84 -8.21 5.40
C PHE A 89 6.53 -8.96 4.32
N VAL A 90 6.55 -10.27 4.46
CA VAL A 90 7.23 -11.13 3.52
C VAL A 90 6.16 -11.90 2.75
N ASP A 91 6.21 -11.79 1.43
CA ASP A 91 5.31 -12.52 0.57
C ASP A 91 6.10 -13.69 0.02
N HIS A 92 6.03 -14.83 0.68
CA HIS A 92 6.85 -15.97 0.28
C HIS A 92 6.34 -16.53 -1.04
N ASN A 93 5.16 -16.08 -1.47
CA ASN A 93 4.58 -16.47 -2.77
C ASN A 93 5.41 -15.94 -3.93
N SER A 94 5.76 -14.67 -3.84
CA SER A 94 6.62 -14.06 -4.85
C SER A 94 8.01 -13.75 -4.31
N ARG A 95 8.32 -14.30 -3.14
CA ARG A 95 9.65 -14.19 -2.53
C ARG A 95 10.13 -12.73 -2.50
N ALA A 96 9.26 -11.84 -1.99
CA ALA A 96 9.46 -10.40 -1.98
C ALA A 96 9.11 -9.88 -0.60
N THR A 97 9.77 -8.80 -0.19
CA THR A 97 9.50 -8.19 1.12
C THR A 97 9.08 -6.73 0.95
N THR A 98 8.18 -6.26 1.80
CA THR A 98 7.65 -4.92 1.70
C THR A 98 7.32 -4.42 3.09
N PHE A 99 7.29 -3.09 3.25
CA PHE A 99 6.82 -2.52 4.49
C PHE A 99 5.32 -2.30 4.46
N ILE A 100 4.69 -2.65 3.35
CA ILE A 100 3.23 -2.39 3.21
C ILE A 100 2.47 -3.66 3.60
N ASP A 101 1.53 -3.47 4.52
CA ASP A 101 0.64 -4.55 5.01
C ASP A 101 -0.24 -5.01 3.85
N PRO A 102 -0.25 -6.33 3.58
CA PRO A 102 -1.12 -6.85 2.53
C PRO A 102 -2.66 -6.76 2.87
N ARG A 103 -3.02 -6.46 4.12
CA ARG A 103 -4.43 -6.44 4.52
C ARG A 103 -5.11 -5.09 4.24
N ILE A 104 -5.00 -4.67 2.99
CA ILE A 104 -5.54 -3.43 2.45
C ILE A 104 -6.68 -3.74 1.48
N PRO A 105 -7.53 -2.75 1.25
CA PRO A 105 -8.78 -3.06 0.55
C PRO A 105 -8.58 -3.18 -0.97
N LEU A 106 -9.66 -3.44 -1.70
CA LEU A 106 -9.67 -3.36 -3.16
C LEU A 106 -8.67 -4.32 -3.81
N GLN A 107 -8.72 -5.57 -3.35
CA GLN A 107 -7.77 -6.58 -3.80
C GLN A 107 -8.30 -7.44 -4.94
N ASN A 108 -9.59 -7.33 -5.22
CA ASN A 108 -10.22 -8.25 -6.14
C ASN A 108 -10.99 -7.63 -7.27
N GLY A 109 -10.51 -6.52 -7.77
CA GLY A 109 -11.06 -5.92 -8.96
C GLY A 109 -12.15 -4.94 -8.65
#